data_2EFY
#
_entry.id   2EFY
#
_cell.length_a   100.760
_cell.length_b   100.760
_cell.length_c   65.220
_cell.angle_alpha   90.00
_cell.angle_beta   90.00
_cell.angle_gamma   90.00
#
_symmetry.space_group_name_H-M   'P 43'
#
loop_
_entity.id
_entity.type
_entity.pdbx_description
1 polymer 'O-acetylserine (Thiol)-lyase'
2 non-polymer "PYRIDOXAL-5'-PHOSPHATE"
3 non-polymer '5-OXOHEXANOIC ACID'
4 water water
#
_entity_poly.entity_id   1
_entity_poly.type   'polypeptide(L)'
_entity_poly.pdbx_seq_one_letter_code
;MRVEGAIGKTPVVRLAKVVEPDMAEVWVKLEGLNPGGSIKDRPAWYMIKDAEERGILRPGSGQVIVEPTSGNTGIGLAMI
AASRGYRLILTMPAQMSEERKRVLKAFGAELVLTDPERRMLAAREEALRLKEELGAFMPDQFKNPANVRAHYETTGPELY
EALEGRIDAFVYGSGTGGTITGVGRYLKERIPHVKVIAVEPARSNVLSGGKMGQHGFQGMGPGFIPENLDLSLLDGVIQV
WEEDAFPLARRLAREEGLFLGMSSGGIVWAALQVARELGPGKRVACISPDGGWKYLSTPLYAEP
;
_entity_poly.pdbx_strand_id   A,B
#
# COMPACT_ATOMS: atom_id res chain seq x y z
N MET A 1 9.61 -14.40 8.71
CA MET A 1 8.29 -13.78 9.01
C MET A 1 7.35 -13.92 7.82
N ARG A 2 6.08 -14.22 8.11
CA ARG A 2 5.05 -14.37 7.07
C ARG A 2 4.35 -13.03 6.88
N VAL A 3 3.57 -12.90 5.80
CA VAL A 3 2.85 -11.67 5.51
C VAL A 3 2.10 -11.10 6.72
N GLU A 4 1.43 -11.96 7.50
CA GLU A 4 0.68 -11.49 8.67
C GLU A 4 1.58 -10.72 9.63
N GLY A 5 2.83 -11.15 9.74
CA GLY A 5 3.77 -10.49 10.64
C GLY A 5 4.03 -9.06 10.21
N ALA A 6 3.82 -8.76 8.92
CA ALA A 6 4.05 -7.42 8.38
C ALA A 6 2.85 -6.48 8.58
N ILE A 7 1.82 -6.98 9.25
CA ILE A 7 0.62 -6.18 9.52
C ILE A 7 0.84 -5.21 10.67
N GLY A 8 0.37 -3.97 10.49
CA GLY A 8 0.50 -2.97 11.53
C GLY A 8 1.75 -2.11 11.43
N LYS A 9 2.05 -1.43 12.53
CA LYS A 9 3.21 -0.54 12.63
C LYS A 9 3.14 0.53 11.54
N THR A 10 1.92 0.99 11.28
CA THR A 10 1.71 2.00 10.24
C THR A 10 2.13 3.37 10.74
N PRO A 11 2.55 4.24 9.83
CA PRO A 11 2.98 5.58 10.23
C PRO A 11 1.81 6.52 10.49
N VAL A 12 2.12 7.65 11.11
CA VAL A 12 1.12 8.66 11.41
C VAL A 12 1.69 9.97 10.87
N VAL A 13 0.85 10.77 10.25
CA VAL A 13 1.29 12.05 9.72
C VAL A 13 0.48 13.19 10.28
N ARG A 14 1.06 14.38 10.30
CA ARG A 14 0.34 15.55 10.79
C ARG A 14 -0.05 16.45 9.63
N LEU A 15 -1.34 16.75 9.52
CA LEU A 15 -1.83 17.62 8.45
C LEU A 15 -1.24 19.01 8.62
N ALA A 16 -0.86 19.63 7.50
CA ALA A 16 -0.25 20.96 7.53
C ALA A 16 -0.85 22.00 6.57
N LYS A 17 -1.71 21.57 5.65
CA LYS A 17 -2.30 22.52 4.70
C LYS A 17 -3.81 22.65 4.87
N VAL A 18 -4.48 21.52 5.04
CA VAL A 18 -5.91 21.53 5.19
C VAL A 18 -6.36 21.97 6.58
N VAL A 19 -5.40 22.18 7.48
CA VAL A 19 -5.76 22.65 8.81
C VAL A 19 -5.80 24.16 8.80
N GLU A 20 -6.35 24.74 9.85
CA GLU A 20 -6.46 26.18 10.01
C GLU A 20 -5.57 26.57 11.19
N PRO A 21 -5.11 27.83 11.23
CA PRO A 21 -4.24 28.36 12.29
C PRO A 21 -4.63 28.11 13.75
N ASP A 22 -5.92 28.25 14.07
CA ASP A 22 -6.37 28.06 15.45
C ASP A 22 -6.81 26.62 15.77
N MET A 23 -6.58 25.70 14.84
CA MET A 23 -6.97 24.31 15.06
C MET A 23 -6.01 23.51 15.94
N ALA A 24 -6.53 22.47 16.55
CA ALA A 24 -5.68 21.58 17.35
C ALA A 24 -4.84 20.83 16.30
N GLU A 25 -3.83 20.10 16.74
CA GLU A 25 -3.03 19.35 15.78
C GLU A 25 -3.88 18.21 15.27
N VAL A 26 -3.71 17.86 14.00
CA VAL A 26 -4.45 16.73 13.45
C VAL A 26 -3.49 15.69 12.90
N TRP A 27 -3.56 14.50 13.48
CA TRP A 27 -2.71 13.39 13.07
C TRP A 27 -3.51 12.25 12.48
N VAL A 28 -3.00 11.69 11.40
CA VAL A 28 -3.69 10.60 10.70
C VAL A 28 -2.80 9.37 10.58
N LYS A 29 -3.31 8.22 11.01
CA LYS A 29 -2.59 6.96 10.95
C LYS A 29 -2.98 6.34 9.60
N LEU A 30 -1.99 6.03 8.77
CA LEU A 30 -2.23 5.48 7.43
C LEU A 30 -2.32 3.95 7.38
N GLU A 31 -3.52 3.43 7.63
CA GLU A 31 -3.74 1.98 7.62
C GLU A 31 -3.74 1.43 6.19
N GLY A 32 -3.71 2.32 5.22
CA GLY A 32 -3.68 1.87 3.84
C GLY A 32 -2.32 1.25 3.56
N LEU A 33 -1.37 1.44 4.47
CA LEU A 33 -0.03 0.90 4.29
C LEU A 33 0.19 -0.51 4.83
N ASN A 34 -0.90 -1.23 5.08
CA ASN A 34 -0.80 -2.60 5.57
C ASN A 34 -0.62 -3.50 4.34
N PRO A 35 -0.07 -4.72 4.54
CA PRO A 35 0.15 -5.65 3.43
C PRO A 35 -1.06 -5.83 2.50
N GLY A 36 -2.24 -5.87 3.08
CA GLY A 36 -3.45 -6.04 2.29
C GLY A 36 -4.09 -4.72 1.85
N GLY A 37 -3.39 -3.61 2.06
CA GLY A 37 -3.89 -2.33 1.62
C GLY A 37 -4.92 -1.64 2.51
N SER A 38 -5.30 -2.23 3.64
CA SER A 38 -6.26 -1.57 4.50
C SER A 38 -6.18 -2.01 5.95
N ILE A 39 -6.88 -1.26 6.79
CA ILE A 39 -6.93 -1.53 8.22
C ILE A 39 -7.52 -2.91 8.52
N LYS A 40 -8.24 -3.50 7.56
CA LYS A 40 -8.85 -4.81 7.80
C LYS A 40 -7.86 -5.96 7.98
N ASP A 41 -6.60 -5.75 7.59
CA ASP A 41 -5.57 -6.77 7.76
C ASP A 41 -5.60 -7.21 9.23
N ARG A 42 -5.62 -6.22 10.12
CA ARG A 42 -5.62 -6.48 11.56
C ARG A 42 -6.77 -7.39 11.99
N PRO A 43 -8.02 -6.97 11.79
CA PRO A 43 -9.17 -7.80 12.18
C PRO A 43 -9.15 -9.17 11.51
N ALA A 44 -8.85 -9.16 10.21
CA ALA A 44 -8.80 -10.41 9.43
C ALA A 44 -7.91 -11.41 10.13
N TRP A 45 -6.67 -11.01 10.35
CA TRP A 45 -5.69 -11.87 11.02
C TRP A 45 -6.14 -12.28 12.43
N TYR A 46 -6.62 -11.32 13.22
CA TYR A 46 -7.06 -11.65 14.58
C TYR A 46 -8.24 -12.62 14.67
N MET A 47 -9.21 -12.50 13.77
CA MET A 47 -10.36 -13.38 13.80
C MET A 47 -9.98 -14.81 13.44
N ILE A 48 -8.97 -14.97 12.59
CA ILE A 48 -8.52 -16.28 12.15
C ILE A 48 -7.57 -16.86 13.19
N LYS A 49 -6.68 -16.01 13.69
CA LYS A 49 -5.70 -16.37 14.70
C LYS A 49 -6.45 -16.81 15.96
N ASP A 50 -7.50 -16.09 16.31
CA ASP A 50 -8.30 -16.42 17.49
C ASP A 50 -9.00 -17.75 17.26
N ALA A 51 -9.44 -17.97 16.02
CA ALA A 51 -10.10 -19.22 15.67
C ALA A 51 -9.12 -20.38 15.82
N GLU A 52 -7.86 -20.12 15.48
CA GLU A 52 -6.82 -21.16 15.59
C GLU A 52 -6.57 -21.42 17.06
N GLU A 53 -6.46 -20.35 17.83
CA GLU A 53 -6.21 -20.46 19.25
C GLU A 53 -7.29 -21.29 19.96
N ARG A 54 -8.54 -21.14 19.54
CA ARG A 54 -9.64 -21.89 20.16
C ARG A 54 -9.82 -23.30 19.61
N GLY A 55 -9.00 -23.66 18.63
CA GLY A 55 -9.06 -24.99 18.04
C GLY A 55 -10.15 -25.18 17.01
N ILE A 56 -10.62 -24.09 16.42
CA ILE A 56 -11.66 -24.16 15.40
C ILE A 56 -11.00 -24.30 14.04
N LEU A 57 -9.82 -23.71 13.88
CA LEU A 57 -9.06 -23.76 12.63
C LEU A 57 -7.66 -24.36 12.82
N ARG A 58 -7.25 -25.19 11.88
CA ARG A 58 -5.92 -25.81 11.93
C ARG A 58 -5.17 -25.36 10.67
N PRO A 59 -4.06 -24.64 10.86
CA PRO A 59 -3.23 -24.13 9.76
C PRO A 59 -2.87 -25.13 8.67
N GLY A 60 -2.94 -24.66 7.43
CA GLY A 60 -2.62 -25.49 6.28
C GLY A 60 -3.54 -26.68 6.08
N SER A 61 -4.65 -26.71 6.81
CA SER A 61 -5.60 -27.82 6.72
C SER A 61 -6.45 -27.76 5.46
N GLY A 62 -6.63 -26.55 4.94
CA GLY A 62 -7.46 -26.39 3.76
C GLY A 62 -8.88 -26.11 4.22
N GLN A 63 -9.05 -26.07 5.54
CA GLN A 63 -10.32 -25.81 6.17
C GLN A 63 -11.03 -24.65 5.47
N VAL A 64 -12.35 -24.62 5.58
CA VAL A 64 -13.14 -23.58 4.92
C VAL A 64 -13.51 -22.40 5.82
N ILE A 65 -13.34 -21.21 5.27
CA ILE A 65 -13.69 -19.97 5.95
C ILE A 65 -14.69 -19.28 5.03
N VAL A 66 -15.82 -18.84 5.55
CA VAL A 66 -16.80 -18.16 4.72
C VAL A 66 -17.25 -16.89 5.43
N GLU A 67 -17.39 -15.81 4.66
CA GLU A 67 -17.80 -14.53 5.22
C GLU A 67 -18.48 -13.67 4.16
N PRO A 68 -19.59 -13.03 4.53
CA PRO A 68 -20.30 -12.17 3.56
C PRO A 68 -19.69 -10.77 3.65
N THR A 69 -18.91 -10.40 2.64
CA THR A 69 -18.28 -9.08 2.63
C THR A 69 -17.93 -8.55 1.24
N SER A 70 -18.26 -7.30 0.99
CA SER A 70 -17.99 -6.65 -0.29
C SER A 70 -16.94 -5.53 -0.16
N GLY A 71 -16.13 -5.61 0.90
CA GLY A 71 -15.11 -4.59 1.11
C GLY A 71 -13.72 -5.08 1.47
N ASN A 72 -13.00 -4.28 2.24
CA ASN A 72 -11.64 -4.62 2.66
C ASN A 72 -11.52 -5.91 3.47
N THR A 73 -12.57 -6.28 4.21
CA THR A 73 -12.49 -7.50 4.99
C THR A 73 -12.26 -8.72 4.09
N GLY A 74 -12.96 -8.76 2.95
CA GLY A 74 -12.78 -9.86 2.02
C GLY A 74 -11.34 -9.95 1.58
N ILE A 75 -10.72 -8.79 1.36
CA ILE A 75 -9.32 -8.74 0.93
C ILE A 75 -8.40 -9.18 2.04
N GLY A 76 -8.63 -8.66 3.24
CA GLY A 76 -7.81 -9.03 4.37
C GLY A 76 -7.84 -10.53 4.58
N LEU A 77 -9.04 -11.10 4.61
CA LEU A 77 -9.23 -12.54 4.80
C LEU A 77 -8.58 -13.37 3.69
N ALA A 78 -8.72 -12.92 2.44
CA ALA A 78 -8.14 -13.65 1.32
C ALA A 78 -6.62 -13.72 1.46
N MET A 79 -6.03 -12.60 1.89
CA MET A 79 -4.58 -12.52 2.06
C MET A 79 -4.14 -13.49 3.17
N ILE A 80 -4.81 -13.45 4.31
CA ILE A 80 -4.49 -14.32 5.43
C ILE A 80 -4.77 -15.78 5.04
N ALA A 81 -5.96 -16.03 4.49
CA ALA A 81 -6.33 -17.38 4.08
C ALA A 81 -5.27 -17.99 3.16
N ALA A 82 -4.78 -17.18 2.22
CA ALA A 82 -3.79 -17.67 1.27
C ALA A 82 -2.48 -18.03 1.98
N SER A 83 -2.12 -17.25 3.00
CA SER A 83 -0.90 -17.48 3.73
C SER A 83 -0.93 -18.69 4.65
N ARG A 84 -2.04 -18.86 5.36
CA ARG A 84 -2.18 -19.95 6.32
C ARG A 84 -2.82 -21.22 5.78
N GLY A 85 -2.96 -21.29 4.46
CA GLY A 85 -3.52 -22.47 3.84
C GLY A 85 -4.98 -22.75 4.09
N TYR A 86 -5.82 -21.72 4.06
CA TYR A 86 -7.24 -21.91 4.25
C TYR A 86 -7.98 -21.73 2.93
N ARG A 87 -9.17 -22.33 2.85
CA ARG A 87 -9.99 -22.24 1.66
C ARG A 87 -11.04 -21.17 1.95
N LEU A 88 -10.89 -20.01 1.33
CA LEU A 88 -11.81 -18.90 1.55
C LEU A 88 -12.93 -18.74 0.52
N ILE A 89 -14.14 -18.51 1.04
CA ILE A 89 -15.30 -18.31 0.19
C ILE A 89 -15.99 -17.03 0.67
N LEU A 90 -16.14 -16.08 -0.25
CA LEU A 90 -16.78 -14.81 0.07
C LEU A 90 -18.10 -14.68 -0.69
N THR A 91 -19.13 -14.21 -0.01
CA THR A 91 -20.44 -14.02 -0.63
C THR A 91 -20.64 -12.52 -0.79
N MET A 92 -21.28 -12.12 -1.89
CA MET A 92 -21.47 -10.69 -2.12
C MET A 92 -22.44 -10.43 -3.26
N PRO A 93 -22.99 -9.21 -3.32
CA PRO A 93 -23.93 -8.83 -4.37
C PRO A 93 -23.19 -8.87 -5.71
N ALA A 94 -23.91 -9.19 -6.79
CA ALA A 94 -23.30 -9.27 -8.11
C ALA A 94 -22.83 -7.92 -8.64
N GLN A 95 -23.32 -6.84 -8.04
CA GLN A 95 -22.94 -5.50 -8.46
C GLN A 95 -21.47 -5.23 -8.15
N MET A 96 -20.83 -6.17 -7.47
CA MET A 96 -19.42 -6.04 -7.13
C MET A 96 -18.61 -5.67 -8.36
N SER A 97 -17.70 -4.72 -8.19
CA SER A 97 -16.84 -4.25 -9.27
C SER A 97 -16.11 -5.40 -9.93
N GLU A 98 -16.01 -5.36 -11.26
CA GLU A 98 -15.31 -6.39 -12.00
C GLU A 98 -13.84 -6.05 -11.78
N GLU A 99 -13.59 -5.29 -10.72
CA GLU A 99 -12.24 -4.86 -10.36
C GLU A 99 -11.88 -5.46 -9.01
N ARG A 100 -12.79 -5.36 -8.06
CA ARG A 100 -12.56 -5.89 -6.73
C ARG A 100 -12.54 -7.42 -6.76
N LYS A 101 -13.29 -8.00 -7.69
CA LYS A 101 -13.33 -9.45 -7.81
C LYS A 101 -11.97 -10.02 -8.21
N ARG A 102 -11.27 -9.32 -9.10
CA ARG A 102 -9.96 -9.77 -9.57
C ARG A 102 -8.95 -9.90 -8.43
N VAL A 103 -8.88 -8.90 -7.55
CA VAL A 103 -7.93 -8.95 -6.44
C VAL A 103 -8.25 -10.12 -5.51
N LEU A 104 -9.53 -10.29 -5.17
CA LEU A 104 -9.94 -11.39 -4.32
C LEU A 104 -9.58 -12.73 -4.96
N LYS A 105 -9.79 -12.85 -6.26
CA LYS A 105 -9.46 -14.09 -6.96
C LYS A 105 -7.95 -14.30 -7.05
N ALA A 106 -7.20 -13.21 -7.04
CA ALA A 106 -5.74 -13.31 -7.12
C ALA A 106 -5.19 -14.06 -5.91
N PHE A 107 -5.85 -13.92 -4.76
CA PHE A 107 -5.42 -14.61 -3.55
C PHE A 107 -6.01 -16.02 -3.50
N GLY A 108 -6.74 -16.41 -4.54
CA GLY A 108 -7.31 -17.74 -4.58
C GLY A 108 -8.64 -17.86 -3.84
N ALA A 109 -9.26 -16.73 -3.56
CA ALA A 109 -10.53 -16.76 -2.87
C ALA A 109 -11.63 -17.16 -3.85
N GLU A 110 -12.66 -17.82 -3.34
CA GLU A 110 -13.79 -18.22 -4.17
C GLU A 110 -14.89 -17.21 -3.92
N LEU A 111 -15.48 -16.67 -4.98
CA LEU A 111 -16.53 -15.67 -4.84
C LEU A 111 -17.91 -16.25 -5.17
N VAL A 112 -18.86 -16.09 -4.27
CA VAL A 112 -20.22 -16.55 -4.52
C VAL A 112 -21.09 -15.31 -4.59
N LEU A 113 -21.59 -15.01 -5.78
CA LEU A 113 -22.43 -13.83 -5.96
C LEU A 113 -23.85 -14.11 -5.51
N THR A 114 -24.55 -13.07 -5.07
CA THR A 114 -25.91 -13.20 -4.58
C THR A 114 -26.84 -12.13 -5.13
N ASP A 115 -28.15 -12.34 -4.95
CA ASP A 115 -29.17 -11.40 -5.42
C ASP A 115 -28.81 -9.97 -5.08
N PRO A 116 -28.55 -9.14 -6.12
CA PRO A 116 -28.19 -7.73 -5.93
C PRO A 116 -29.36 -6.95 -5.35
N GLU A 117 -30.54 -7.56 -5.37
CA GLU A 117 -31.75 -6.94 -4.86
C GLU A 117 -31.87 -7.13 -3.35
N ARG A 118 -31.57 -8.33 -2.88
CA ARG A 118 -31.63 -8.66 -1.45
C ARG A 118 -30.38 -8.08 -0.76
N ARG A 119 -29.30 -7.96 -1.53
CA ARG A 119 -28.04 -7.41 -1.05
C ARG A 119 -27.45 -8.09 0.18
N MET A 120 -26.97 -7.28 1.13
CA MET A 120 -26.36 -7.75 2.37
C MET A 120 -27.06 -8.95 2.99
N LEU A 121 -28.39 -8.94 2.97
CA LEU A 121 -29.18 -10.04 3.53
C LEU A 121 -28.90 -11.34 2.79
N ALA A 122 -29.05 -11.31 1.48
CA ALA A 122 -28.82 -12.51 0.67
C ALA A 122 -27.40 -13.02 0.87
N ALA A 123 -26.44 -12.10 0.86
CA ALA A 123 -25.04 -12.46 1.05
C ALA A 123 -24.88 -13.21 2.36
N ARG A 124 -25.44 -12.67 3.43
CA ARG A 124 -25.36 -13.32 4.73
C ARG A 124 -26.07 -14.67 4.74
N GLU A 125 -27.26 -14.72 4.16
CA GLU A 125 -28.03 -15.96 4.10
C GLU A 125 -27.19 -17.07 3.47
N GLU A 126 -26.64 -16.78 2.29
CA GLU A 126 -25.83 -17.75 1.57
C GLU A 126 -24.62 -18.19 2.39
N ALA A 127 -23.96 -17.23 3.04
CA ALA A 127 -22.79 -17.54 3.87
C ALA A 127 -23.16 -18.50 4.99
N LEU A 128 -24.28 -18.23 5.64
CA LEU A 128 -24.75 -19.07 6.73
C LEU A 128 -25.01 -20.50 6.25
N ARG A 129 -25.63 -20.61 5.08
CA ARG A 129 -25.92 -21.92 4.52
C ARG A 129 -24.61 -22.68 4.31
N LEU A 130 -23.68 -22.03 3.62
CA LEU A 130 -22.38 -22.62 3.33
C LEU A 130 -21.69 -23.02 4.63
N LYS A 131 -21.83 -22.19 5.65
CA LYS A 131 -21.23 -22.47 6.95
C LYS A 131 -21.73 -23.83 7.41
N GLU A 132 -23.05 -24.01 7.33
CA GLU A 132 -23.70 -25.25 7.72
C GLU A 132 -23.28 -26.44 6.86
N GLU A 133 -23.42 -26.30 5.54
CA GLU A 133 -23.07 -27.36 4.61
C GLU A 133 -21.61 -27.81 4.71
N LEU A 134 -20.69 -26.87 4.73
CA LEU A 134 -19.26 -27.19 4.80
C LEU A 134 -18.68 -27.19 6.21
N GLY A 135 -19.48 -26.82 7.20
CA GLY A 135 -18.98 -26.78 8.57
C GLY A 135 -17.79 -25.84 8.62
N ALA A 136 -17.94 -24.70 7.96
CA ALA A 136 -16.89 -23.71 7.87
C ALA A 136 -16.87 -22.72 9.01
N PHE A 137 -15.74 -22.04 9.14
CA PHE A 137 -15.59 -21.02 10.15
C PHE A 137 -16.08 -19.71 9.54
N MET A 138 -16.91 -18.99 10.28
CA MET A 138 -17.41 -17.71 9.78
C MET A 138 -16.99 -16.60 10.74
N PRO A 139 -16.07 -15.73 10.29
CA PRO A 139 -15.60 -14.62 11.13
C PRO A 139 -16.72 -13.83 11.79
N ASP A 140 -17.69 -13.40 10.99
CA ASP A 140 -18.83 -12.62 11.48
C ASP A 140 -18.28 -11.32 12.08
N GLN A 141 -17.58 -10.58 11.23
CA GLN A 141 -16.91 -9.33 11.57
C GLN A 141 -17.63 -8.31 12.44
N PHE A 142 -18.96 -8.31 12.43
CA PHE A 142 -19.71 -7.34 13.23
C PHE A 142 -19.96 -7.77 14.68
N LYS A 143 -19.86 -9.07 14.96
CA LYS A 143 -20.08 -9.60 16.32
C LYS A 143 -18.84 -10.22 16.96
N ASN A 144 -17.80 -10.46 16.15
CA ASN A 144 -16.60 -11.11 16.64
C ASN A 144 -15.68 -10.28 17.53
N PRO A 145 -15.69 -10.54 18.84
CA PRO A 145 -14.85 -9.80 19.81
C PRO A 145 -13.38 -9.73 19.40
N ALA A 146 -12.93 -10.65 18.57
CA ALA A 146 -11.52 -10.64 18.14
C ALA A 146 -11.23 -9.46 17.22
N ASN A 147 -12.28 -8.91 16.62
CA ASN A 147 -12.17 -7.77 15.72
C ASN A 147 -11.67 -6.62 16.61
N VAL A 148 -12.43 -6.37 17.67
CA VAL A 148 -12.11 -5.33 18.65
C VAL A 148 -10.73 -5.57 19.23
N ARG A 149 -10.48 -6.82 19.61
CA ARG A 149 -9.21 -7.21 20.21
C ARG A 149 -7.98 -6.84 19.39
N ALA A 150 -8.09 -6.90 18.08
CA ALA A 150 -6.96 -6.55 17.22
C ALA A 150 -6.55 -5.09 17.38
N HIS A 151 -7.53 -4.21 17.53
CA HIS A 151 -7.25 -2.79 17.67
C HIS A 151 -6.90 -2.44 19.11
N TYR A 152 -7.35 -3.28 20.04
CA TYR A 152 -7.08 -3.06 21.44
C TYR A 152 -5.63 -3.43 21.73
N GLU A 153 -5.12 -4.41 20.98
CA GLU A 153 -3.75 -4.91 21.15
C GLU A 153 -2.69 -4.34 20.21
N THR A 154 -3.08 -3.85 19.04
CA THR A 154 -2.09 -3.31 18.10
C THR A 154 -2.31 -1.86 17.68
N THR A 155 -3.46 -1.60 17.07
CA THR A 155 -3.79 -0.26 16.59
C THR A 155 -3.73 0.80 17.69
N GLY A 156 -4.41 0.51 18.80
CA GLY A 156 -4.42 1.45 19.92
C GLY A 156 -3.02 1.73 20.42
N PRO A 157 -2.30 0.69 20.87
CA PRO A 157 -0.94 0.82 21.38
C PRO A 157 -0.03 1.60 20.43
N GLU A 158 -0.13 1.30 19.13
CA GLU A 158 0.69 1.97 18.12
C GLU A 158 0.44 3.46 18.09
N LEU A 159 -0.83 3.82 18.02
CA LEU A 159 -1.23 5.22 17.96
C LEU A 159 -0.82 5.96 19.24
N TYR A 160 -1.05 5.33 20.40
CA TYR A 160 -0.69 5.94 21.68
C TYR A 160 0.82 6.16 21.78
N GLU A 161 1.58 5.13 21.43
CA GLU A 161 3.05 5.23 21.47
C GLU A 161 3.60 6.26 20.50
N ALA A 162 3.15 6.22 19.24
CA ALA A 162 3.66 7.15 18.23
C ALA A 162 3.34 8.61 18.58
N LEU A 163 2.25 8.84 19.29
CA LEU A 163 1.87 10.18 19.69
C LEU A 163 2.28 10.50 21.13
N GLU A 164 3.21 9.71 21.66
CA GLU A 164 3.73 9.90 23.02
C GLU A 164 2.66 10.11 24.08
N GLY A 165 1.50 9.48 23.90
CA GLY A 165 0.43 9.62 24.87
C GLY A 165 -0.24 10.99 24.90
N ARG A 166 0.17 11.88 24.01
CA ARG A 166 -0.43 13.22 23.95
C ARG A 166 -1.62 13.21 23.00
N ILE A 167 -2.76 12.71 23.46
CA ILE A 167 -3.97 12.66 22.64
C ILE A 167 -5.17 13.19 23.41
N ASP A 168 -5.80 14.23 22.87
CA ASP A 168 -6.95 14.82 23.52
C ASP A 168 -8.25 14.28 22.96
N ALA A 169 -8.25 13.92 21.70
CA ALA A 169 -9.44 13.38 21.06
C ALA A 169 -9.08 12.35 20.01
N PHE A 170 -9.93 11.32 19.90
CA PHE A 170 -9.75 10.25 18.93
C PHE A 170 -11.01 10.27 18.08
N VAL A 171 -10.83 10.35 16.76
CA VAL A 171 -11.96 10.42 15.84
C VAL A 171 -11.93 9.28 14.81
N TYR A 172 -13.08 8.63 14.60
CA TYR A 172 -13.11 7.53 13.66
C TYR A 172 -14.49 7.27 13.06
N GLY A 173 -14.51 6.93 11.76
CA GLY A 173 -15.75 6.62 11.07
C GLY A 173 -16.03 5.14 11.26
N SER A 174 -16.90 4.82 12.22
CA SER A 174 -17.22 3.44 12.55
C SER A 174 -17.91 2.60 11.48
N GLY A 175 -17.43 1.36 11.34
CA GLY A 175 -17.99 0.41 10.40
C GLY A 175 -18.45 -0.81 11.19
N THR A 176 -17.55 -1.76 11.39
CA THR A 176 -17.89 -2.93 12.19
C THR A 176 -17.92 -2.51 13.65
N GLY A 177 -17.29 -1.37 13.95
CA GLY A 177 -17.24 -0.88 15.32
C GLY A 177 -15.98 -1.33 16.05
N GLY A 178 -15.23 -2.22 15.42
CA GLY A 178 -14.02 -2.75 16.03
C GLY A 178 -12.90 -1.76 16.31
N THR A 179 -12.60 -0.89 15.35
CA THR A 179 -11.52 0.07 15.53
C THR A 179 -11.79 1.08 16.65
N ILE A 180 -12.95 1.71 16.60
CA ILE A 180 -13.28 2.71 17.59
C ILE A 180 -13.40 2.10 18.99
N THR A 181 -13.92 0.88 19.07
CA THR A 181 -14.05 0.23 20.37
C THR A 181 -12.66 -0.18 20.87
N GLY A 182 -11.90 -0.85 20.00
CA GLY A 182 -10.56 -1.29 20.34
C GLY A 182 -9.65 -0.15 20.74
N VAL A 183 -9.45 0.78 19.83
CA VAL A 183 -8.59 1.94 20.12
C VAL A 183 -9.21 2.72 21.27
N GLY A 184 -10.52 2.92 21.21
CA GLY A 184 -11.23 3.65 22.23
C GLY A 184 -10.94 3.18 23.63
N ARG A 185 -11.13 1.89 23.88
CA ARG A 185 -10.87 1.34 25.21
C ARG A 185 -9.41 1.56 25.63
N TYR A 186 -8.49 1.22 24.74
CA TYR A 186 -7.08 1.36 25.02
C TYR A 186 -6.72 2.77 25.46
N LEU A 187 -7.15 3.75 24.68
CA LEU A 187 -6.83 5.14 25.03
C LEU A 187 -7.51 5.58 26.32
N LYS A 188 -8.76 5.17 26.52
CA LYS A 188 -9.49 5.56 27.72
C LYS A 188 -8.77 5.11 28.99
N GLU A 189 -8.30 3.87 29.01
CA GLU A 189 -7.59 3.33 30.16
C GLU A 189 -6.39 4.16 30.61
N ARG A 190 -5.73 4.81 29.65
CA ARG A 190 -4.53 5.61 29.91
C ARG A 190 -4.76 7.12 29.86
N ILE A 191 -5.73 7.55 29.07
CA ILE A 191 -6.06 8.97 28.93
C ILE A 191 -7.57 9.05 29.17
N PRO A 192 -8.01 8.88 30.43
CA PRO A 192 -9.43 8.92 30.83
C PRO A 192 -10.24 10.12 30.37
N HIS A 193 -9.57 11.26 30.19
CA HIS A 193 -10.26 12.47 29.76
C HIS A 193 -10.33 12.55 28.24
N VAL A 194 -9.71 11.58 27.56
CA VAL A 194 -9.72 11.59 26.10
C VAL A 194 -11.13 11.45 25.55
N LYS A 195 -11.43 12.24 24.53
CA LYS A 195 -12.76 12.20 23.92
C LYS A 195 -12.75 11.27 22.71
N VAL A 196 -13.62 10.26 22.74
CA VAL A 196 -13.73 9.33 21.63
C VAL A 196 -14.96 9.75 20.82
N ILE A 197 -14.72 10.23 19.60
CA ILE A 197 -15.81 10.70 18.76
C ILE A 197 -16.01 9.86 17.50
N ALA A 198 -17.22 9.32 17.36
CA ALA A 198 -17.56 8.51 16.19
C ALA A 198 -18.03 9.42 15.06
N VAL A 199 -17.84 8.93 13.84
CA VAL A 199 -18.21 9.64 12.64
C VAL A 199 -19.08 8.72 11.81
N GLU A 200 -20.19 9.24 11.30
CA GLU A 200 -21.08 8.44 10.47
C GLU A 200 -21.63 9.28 9.33
N PRO A 201 -22.06 8.62 8.24
CA PRO A 201 -22.62 9.35 7.09
C PRO A 201 -23.86 10.09 7.55
N ALA A 202 -24.02 11.34 7.13
CA ALA A 202 -25.21 12.08 7.52
C ALA A 202 -26.43 11.40 6.90
N ARG A 203 -26.23 10.76 5.76
CA ARG A 203 -27.30 10.07 5.03
C ARG A 203 -27.66 8.68 5.59
N SER A 204 -27.05 8.32 6.72
CA SER A 204 -27.32 7.04 7.38
C SER A 204 -26.84 7.27 8.80
N ASN A 205 -27.43 8.27 9.43
CA ASN A 205 -27.06 8.69 10.78
C ASN A 205 -27.76 7.92 11.89
N VAL A 206 -27.54 6.61 11.95
CA VAL A 206 -28.17 5.77 12.97
C VAL A 206 -27.66 6.04 14.38
N LEU A 207 -26.42 6.50 14.50
CA LEU A 207 -25.84 6.80 15.81
C LEU A 207 -26.36 8.14 16.34
N SER A 208 -26.81 9.00 15.44
CA SER A 208 -27.33 10.30 15.83
C SER A 208 -28.85 10.29 16.08
N GLY A 209 -29.48 9.15 15.78
CA GLY A 209 -30.91 9.04 15.95
C GLY A 209 -31.61 8.85 14.63
N GLY A 210 -30.91 9.21 13.55
CA GLY A 210 -31.46 9.09 12.21
C GLY A 210 -31.76 7.67 11.78
N LYS A 211 -31.95 7.51 10.47
CA LYS A 211 -32.27 6.22 9.87
C LYS A 211 -31.31 5.82 8.74
N MET A 212 -31.19 4.52 8.51
CA MET A 212 -30.33 3.98 7.46
C MET A 212 -30.63 4.62 6.10
N GLY A 213 -29.61 4.67 5.25
CA GLY A 213 -29.77 5.25 3.92
C GLY A 213 -28.51 5.10 3.09
N GLN A 214 -28.64 5.29 1.78
CA GLN A 214 -27.51 5.19 0.85
C GLN A 214 -26.55 6.34 1.10
N HIS A 215 -25.26 6.07 0.94
CA HIS A 215 -24.22 7.08 1.14
C HIS A 215 -22.95 6.55 0.49
N GLY A 216 -22.07 7.45 0.06
CA GLY A 216 -20.85 7.03 -0.63
C GLY A 216 -19.59 6.74 0.16
N PHE A 217 -19.67 6.73 1.49
CA PHE A 217 -18.50 6.44 2.30
C PHE A 217 -18.28 4.94 2.46
N GLN A 218 -17.71 4.31 1.44
CA GLN A 218 -17.49 2.87 1.49
C GLN A 218 -16.62 2.41 2.65
N GLY A 219 -17.10 1.41 3.37
CA GLY A 219 -16.35 0.88 4.49
C GLY A 219 -16.94 1.24 5.84
N MET A 220 -17.65 2.36 5.91
CA MET A 220 -18.24 2.78 7.19
C MET A 220 -19.75 3.04 7.06
N GLY A 221 -20.41 3.31 8.20
CA GLY A 221 -21.83 3.59 8.18
C GLY A 221 -22.63 2.40 7.66
N PRO A 222 -22.61 1.26 8.39
CA PRO A 222 -23.30 0.02 8.06
C PRO A 222 -24.82 0.13 8.01
N GLY A 223 -25.37 1.14 8.67
CA GLY A 223 -26.80 1.32 8.66
C GLY A 223 -27.48 0.74 9.89
N PHE A 224 -26.67 0.37 10.88
CA PHE A 224 -27.18 -0.19 12.14
C PHE A 224 -26.06 -0.20 13.18
N ILE A 225 -26.41 -0.48 14.43
CA ILE A 225 -25.41 -0.53 15.49
C ILE A 225 -24.95 -1.97 15.64
N PRO A 226 -23.71 -2.27 15.24
CA PRO A 226 -23.20 -3.64 15.35
C PRO A 226 -22.85 -4.00 16.80
N GLU A 227 -22.85 -5.31 17.10
CA GLU A 227 -22.53 -5.76 18.46
C GLU A 227 -21.15 -5.29 18.92
N ASN A 228 -20.21 -5.20 17.99
CA ASN A 228 -18.84 -4.79 18.29
C ASN A 228 -18.66 -3.34 18.68
N LEU A 229 -19.68 -2.53 18.46
CA LEU A 229 -19.60 -1.11 18.79
C LEU A 229 -20.09 -0.84 20.21
N ASP A 230 -19.18 -0.45 21.08
CA ASP A 230 -19.53 -0.15 22.47
C ASP A 230 -19.88 1.32 22.57
N LEU A 231 -21.17 1.61 22.66
CA LEU A 231 -21.65 2.98 22.74
C LEU A 231 -21.17 3.75 23.95
N SER A 232 -21.03 3.07 25.09
CA SER A 232 -20.60 3.74 26.32
C SER A 232 -19.28 4.49 26.15
N LEU A 233 -18.48 4.10 25.16
CA LEU A 233 -17.21 4.76 24.92
C LEU A 233 -17.34 6.14 24.27
N LEU A 234 -18.35 6.28 23.42
CA LEU A 234 -18.56 7.52 22.69
C LEU A 234 -18.84 8.78 23.49
N ASP A 235 -18.23 9.89 23.09
CA ASP A 235 -18.43 11.16 23.76
C ASP A 235 -19.10 12.12 22.79
N GLY A 236 -19.43 11.59 21.63
CA GLY A 236 -20.09 12.39 20.61
C GLY A 236 -20.09 11.68 19.28
N VAL A 237 -20.91 12.17 18.35
CA VAL A 237 -21.01 11.62 17.01
C VAL A 237 -21.07 12.76 16.00
N ILE A 238 -20.24 12.67 14.96
CA ILE A 238 -20.23 13.69 13.93
C ILE A 238 -20.78 13.13 12.64
N GLN A 239 -21.71 13.87 12.05
CA GLN A 239 -22.34 13.48 10.80
C GLN A 239 -21.63 14.19 9.66
N VAL A 240 -21.22 13.44 8.66
CA VAL A 240 -20.50 14.00 7.53
C VAL A 240 -21.21 13.83 6.20
N TRP A 241 -21.14 14.86 5.37
CA TRP A 241 -21.78 14.84 4.04
C TRP A 241 -20.75 14.66 2.94
N GLU A 242 -21.10 13.84 1.95
CA GLU A 242 -20.21 13.62 0.83
C GLU A 242 -19.77 14.94 0.18
N GLU A 243 -20.67 15.91 0.16
CA GLU A 243 -20.42 17.23 -0.42
C GLU A 243 -19.22 17.96 0.19
N ASP A 244 -18.97 17.73 1.48
CA ASP A 244 -17.85 18.38 2.16
C ASP A 244 -16.62 17.48 2.18
N ALA A 245 -16.83 16.20 2.45
CA ALA A 245 -15.76 15.22 2.55
C ALA A 245 -14.95 14.95 1.28
N PHE A 246 -15.63 14.66 0.18
CA PHE A 246 -14.93 14.39 -1.07
C PHE A 246 -14.03 15.54 -1.47
N PRO A 247 -14.55 16.77 -1.45
CA PRO A 247 -13.65 17.88 -1.83
C PRO A 247 -12.42 17.92 -0.93
N LEU A 248 -12.61 17.59 0.35
CA LEU A 248 -11.50 17.60 1.30
C LEU A 248 -10.49 16.49 0.94
N ALA A 249 -11.00 15.33 0.55
CA ALA A 249 -10.11 14.23 0.16
C ALA A 249 -9.28 14.69 -1.02
N ARG A 250 -9.87 15.52 -1.88
CA ARG A 250 -9.15 16.02 -3.03
C ARG A 250 -8.06 16.99 -2.58
N ARG A 251 -8.38 17.83 -1.61
CA ARG A 251 -7.37 18.76 -1.10
C ARG A 251 -6.22 17.95 -0.49
N LEU A 252 -6.55 16.86 0.20
CA LEU A 252 -5.54 16.02 0.85
C LEU A 252 -4.56 15.43 -0.13
N ALA A 253 -5.07 14.95 -1.26
CA ALA A 253 -4.20 14.36 -2.26
C ALA A 253 -3.30 15.45 -2.86
N ARG A 254 -3.95 16.51 -3.32
CA ARG A 254 -3.32 17.64 -3.97
C ARG A 254 -2.37 18.50 -3.13
N GLU A 255 -2.73 18.75 -1.87
CA GLU A 255 -1.93 19.63 -1.02
C GLU A 255 -1.04 18.95 0.01
N GLU A 256 -1.41 17.75 0.44
CA GLU A 256 -0.65 17.06 1.46
C GLU A 256 0.04 15.83 0.88
N GLY A 257 -0.33 15.47 -0.34
CA GLY A 257 0.27 14.29 -0.95
C GLY A 257 -0.28 13.04 -0.28
N LEU A 258 -1.48 13.15 0.29
CA LEU A 258 -2.14 12.04 0.96
C LEU A 258 -3.35 11.55 0.15
N PHE A 259 -3.12 10.51 -0.66
CA PHE A 259 -4.15 9.91 -1.52
C PHE A 259 -4.93 8.86 -0.73
N LEU A 260 -5.98 9.30 -0.04
CA LEU A 260 -6.76 8.40 0.80
C LEU A 260 -8.13 7.99 0.28
N GLY A 261 -8.73 7.01 0.96
CA GLY A 261 -10.03 6.49 0.58
C GLY A 261 -11.22 7.35 0.99
N MET A 262 -12.39 6.94 0.51
CA MET A 262 -13.63 7.65 0.77
C MET A 262 -13.94 7.80 2.26
N SER A 263 -13.82 6.72 3.02
CA SER A 263 -14.12 6.82 4.45
C SER A 263 -13.14 7.81 5.10
N SER A 264 -11.92 7.87 4.56
CA SER A 264 -10.89 8.77 5.08
C SER A 264 -11.31 10.22 4.93
N GLY A 265 -11.90 10.54 3.78
CA GLY A 265 -12.34 11.91 3.54
C GLY A 265 -13.31 12.38 4.61
N GLY A 266 -14.27 11.53 4.93
CA GLY A 266 -15.25 11.91 5.95
C GLY A 266 -14.64 11.93 7.34
N ILE A 267 -13.79 10.96 7.65
CA ILE A 267 -13.17 10.88 8.95
C ILE A 267 -12.27 12.08 9.23
N VAL A 268 -11.39 12.40 8.28
CA VAL A 268 -10.50 13.54 8.46
C VAL A 268 -11.32 14.82 8.53
N TRP A 269 -12.36 14.92 7.70
CA TRP A 269 -13.21 16.10 7.71
C TRP A 269 -13.72 16.26 9.14
N ALA A 270 -14.16 15.16 9.74
CA ALA A 270 -14.65 15.20 11.11
C ALA A 270 -13.53 15.63 12.08
N ALA A 271 -12.36 15.00 11.93
CA ALA A 271 -11.23 15.32 12.80
C ALA A 271 -10.94 16.81 12.76
N LEU A 272 -11.05 17.40 11.57
CA LEU A 272 -10.80 18.83 11.41
C LEU A 272 -11.77 19.65 12.25
N GLN A 273 -13.04 19.28 12.22
CA GLN A 273 -14.03 20.02 12.99
C GLN A 273 -13.75 19.90 14.49
N VAL A 274 -13.39 18.70 14.94
CA VAL A 274 -13.07 18.49 16.34
C VAL A 274 -11.85 19.34 16.70
N ALA A 275 -10.93 19.47 15.74
CA ALA A 275 -9.72 20.26 15.94
C ALA A 275 -10.04 21.74 16.15
N ARG A 276 -11.06 22.24 15.46
CA ARG A 276 -11.45 23.64 15.62
C ARG A 276 -12.03 23.83 17.02
N GLU A 277 -12.78 22.84 17.48
CA GLU A 277 -13.40 22.87 18.80
C GLU A 277 -12.36 22.90 19.93
N LEU A 278 -11.41 21.99 19.89
CA LEU A 278 -10.38 21.91 20.93
C LEU A 278 -9.41 23.08 20.95
N GLY A 279 -8.96 23.51 19.77
CA GLY A 279 -8.06 24.64 19.70
C GLY A 279 -6.59 24.31 19.90
N PRO A 280 -5.72 25.33 19.84
CA PRO A 280 -4.26 25.18 20.01
C PRO A 280 -3.91 24.43 21.28
N GLY A 281 -2.75 23.79 21.29
CA GLY A 281 -2.31 23.07 22.48
C GLY A 281 -2.98 21.72 22.70
N LYS A 282 -3.80 21.29 21.74
CA LYS A 282 -4.49 20.00 21.84
C LYS A 282 -4.15 19.19 20.60
N ARG A 283 -4.22 17.87 20.72
CA ARG A 283 -3.94 17.01 19.58
C ARG A 283 -5.08 16.03 19.31
N VAL A 284 -5.54 16.04 18.06
CA VAL A 284 -6.63 15.19 17.59
C VAL A 284 -6.02 14.11 16.73
N ALA A 285 -6.37 12.85 17.03
CA ALA A 285 -5.85 11.72 16.27
C ALA A 285 -7.00 11.00 15.56
N CYS A 286 -6.75 10.58 14.32
CA CYS A 286 -7.76 9.84 13.56
C CYS A 286 -7.05 8.82 12.70
N ILE A 287 -7.81 7.98 12.02
CA ILE A 287 -7.22 6.94 11.20
C ILE A 287 -7.74 6.90 9.77
N SER A 288 -6.84 6.70 8.82
CA SER A 288 -7.19 6.58 7.41
C SER A 288 -7.28 5.08 7.15
N PRO A 289 -8.49 4.55 7.03
CA PRO A 289 -8.70 3.12 6.78
C PRO A 289 -7.94 2.55 5.58
N ASP A 290 -7.89 3.28 4.48
CA ASP A 290 -7.19 2.81 3.29
C ASP A 290 -6.90 3.93 2.30
N GLY A 291 -6.09 3.60 1.29
CA GLY A 291 -5.72 4.59 0.29
C GLY A 291 -6.82 4.83 -0.72
N GLY A 292 -6.53 5.68 -1.71
CA GLY A 292 -7.53 5.99 -2.73
C GLY A 292 -7.51 5.13 -3.98
N TRP A 293 -6.59 4.17 -4.03
CA TRP A 293 -6.43 3.29 -5.19
C TRP A 293 -7.66 2.56 -5.71
N LYS A 294 -8.44 1.99 -4.79
CA LYS A 294 -9.62 1.21 -5.15
C LYS A 294 -10.87 2.05 -5.41
N TYR A 295 -10.73 3.36 -5.40
CA TYR A 295 -11.88 4.23 -5.63
C TYR A 295 -11.69 5.18 -6.80
N LEU A 296 -10.79 4.82 -7.71
CA LEU A 296 -10.52 5.64 -8.87
C LEU A 296 -11.72 5.73 -9.82
N SER A 297 -12.69 4.83 -9.66
CA SER A 297 -13.87 4.85 -10.52
C SER A 297 -15.03 5.61 -9.92
N THR A 298 -14.90 6.00 -8.65
CA THR A 298 -15.95 6.77 -8.00
C THR A 298 -15.77 8.23 -8.39
N PRO A 299 -16.85 9.03 -8.29
CA PRO A 299 -16.76 10.45 -8.65
C PRO A 299 -15.75 11.23 -7.81
N LEU A 300 -15.34 10.63 -6.69
CA LEU A 300 -14.36 11.26 -5.81
C LEU A 300 -13.04 11.54 -6.54
N TYR A 301 -12.71 10.70 -7.53
CA TYR A 301 -11.45 10.84 -8.26
C TYR A 301 -11.56 10.69 -9.78
N ALA A 302 -12.75 10.85 -10.34
CA ALA A 302 -12.92 10.69 -11.78
C ALA A 302 -13.14 12.02 -12.52
N MET B 1 4.93 15.09 11.28
CA MET B 1 5.59 14.38 10.15
C MET B 1 4.75 14.45 8.87
N ARG B 2 5.41 14.83 7.77
CA ARG B 2 4.78 14.93 6.46
C ARG B 2 4.79 13.57 5.76
N VAL B 3 4.07 13.46 4.66
CA VAL B 3 4.02 12.19 3.94
C VAL B 3 5.42 11.67 3.60
N GLU B 4 6.28 12.55 3.08
CA GLU B 4 7.64 12.16 2.73
C GLU B 4 8.39 11.53 3.90
N GLY B 5 7.95 11.86 5.12
CA GLY B 5 8.59 11.32 6.31
C GLY B 5 8.10 9.93 6.65
N ALA B 6 6.98 9.52 6.04
CA ALA B 6 6.41 8.20 6.27
C ALA B 6 6.94 7.19 5.26
N ILE B 7 7.93 7.59 4.48
CA ILE B 7 8.52 6.73 3.46
C ILE B 7 9.59 5.79 4.03
N GLY B 8 9.58 4.54 3.58
CA GLY B 8 10.56 3.56 4.03
C GLY B 8 10.16 2.71 5.21
N LYS B 9 11.15 2.12 5.87
CA LYS B 9 10.90 1.27 7.04
C LYS B 9 9.92 0.17 6.68
N THR B 10 10.07 -0.34 5.46
CA THR B 10 9.21 -1.39 4.97
C THR B 10 9.64 -2.74 5.53
N PRO B 11 8.68 -3.65 5.73
CA PRO B 11 8.93 -5.00 6.27
C PRO B 11 9.57 -5.94 5.26
N VAL B 12 10.14 -7.04 5.75
CA VAL B 12 10.77 -8.06 4.91
C VAL B 12 10.24 -9.42 5.37
N VAL B 13 9.68 -10.19 4.45
CA VAL B 13 9.14 -11.51 4.77
C VAL B 13 9.98 -12.63 4.19
N ARG B 14 9.81 -13.83 4.73
CA ARG B 14 10.53 -15.01 4.25
C ARG B 14 9.57 -15.98 3.57
N LEU B 15 9.91 -16.38 2.35
CA LEU B 15 9.07 -17.31 1.59
C LEU B 15 9.06 -18.67 2.28
N ALA B 16 7.92 -19.33 2.29
CA ALA B 16 7.82 -20.63 2.95
C ALA B 16 7.13 -21.73 2.14
N LYS B 17 6.42 -21.36 1.09
CA LYS B 17 5.72 -22.35 0.27
C LYS B 17 6.30 -22.54 -1.13
N VAL B 18 6.74 -21.46 -1.75
CA VAL B 18 7.30 -21.54 -3.10
C VAL B 18 8.76 -21.98 -3.16
N VAL B 19 9.43 -22.04 -2.01
CA VAL B 19 10.82 -22.49 -2.00
C VAL B 19 10.85 -24.01 -1.95
N GLU B 20 12.03 -24.57 -2.21
CA GLU B 20 12.23 -26.01 -2.17
C GLU B 20 13.00 -26.33 -0.89
N PRO B 21 13.08 -27.61 -0.51
CA PRO B 21 13.83 -27.94 0.71
C PRO B 21 15.34 -27.70 0.59
N ASP B 22 15.87 -27.88 -0.61
CA ASP B 22 17.30 -27.68 -0.82
C ASP B 22 17.67 -26.22 -1.16
N MET B 23 16.86 -25.27 -0.72
CA MET B 23 17.11 -23.85 -0.99
C MET B 23 17.55 -23.06 0.24
N ALA B 24 18.29 -21.98 -0.01
CA ALA B 24 18.73 -21.10 1.07
C ALA B 24 17.48 -20.30 1.43
N GLU B 25 17.48 -19.65 2.59
CA GLU B 25 16.34 -18.85 3.00
C GLU B 25 16.14 -17.75 1.96
N VAL B 26 14.89 -17.42 1.68
CA VAL B 26 14.61 -16.37 0.70
C VAL B 26 13.77 -15.26 1.34
N TRP B 27 14.37 -14.09 1.51
CA TRP B 27 13.69 -12.95 2.13
C TRP B 27 13.33 -11.85 1.14
N VAL B 28 12.11 -11.32 1.27
CA VAL B 28 11.60 -10.29 0.37
C VAL B 28 11.15 -9.02 1.08
N LYS B 29 11.77 -7.89 0.74
CA LYS B 29 11.44 -6.59 1.33
C LYS B 29 10.29 -5.99 0.51
N LEU B 30 9.17 -5.70 1.16
CA LEU B 30 8.00 -5.18 0.45
C LEU B 30 7.93 -3.67 0.27
N GLU B 31 8.47 -3.18 -0.83
CA GLU B 31 8.46 -1.74 -1.12
C GLU B 31 7.10 -1.22 -1.56
N GLY B 32 6.15 -2.14 -1.77
CA GLY B 32 4.82 -1.75 -2.19
C GLY B 32 4.09 -1.09 -1.04
N LEU B 33 4.61 -1.27 0.17
CA LEU B 33 4.00 -0.69 1.36
C LEU B 33 4.44 0.74 1.69
N ASN B 34 5.03 1.45 0.73
CA ASN B 34 5.44 2.84 0.92
C ASN B 34 4.20 3.71 0.63
N PRO B 35 4.18 4.97 1.10
CA PRO B 35 3.05 5.87 0.87
C PRO B 35 2.56 5.92 -0.57
N GLY B 36 3.49 6.07 -1.51
CA GLY B 36 3.13 6.13 -2.92
C GLY B 36 2.91 4.77 -3.57
N GLY B 37 3.01 3.71 -2.78
CA GLY B 37 2.79 2.38 -3.30
C GLY B 37 3.96 1.66 -3.95
N SER B 38 5.14 2.28 -4.00
CA SER B 38 6.29 1.61 -4.61
C SER B 38 7.64 2.07 -4.09
N ILE B 39 8.68 1.35 -4.50
CA ILE B 39 10.03 1.66 -4.11
C ILE B 39 10.45 3.06 -4.56
N LYS B 40 9.81 3.57 -5.61
CA LYS B 40 10.15 4.91 -6.11
C LYS B 40 9.96 6.07 -5.13
N ASP B 41 9.15 5.88 -4.09
CA ASP B 41 8.97 6.97 -3.11
C ASP B 41 10.34 7.52 -2.69
N ARG B 42 11.27 6.62 -2.40
CA ARG B 42 12.62 6.99 -1.96
C ARG B 42 13.38 7.87 -2.94
N PRO B 43 13.69 7.34 -4.15
CA PRO B 43 14.41 8.20 -5.10
C PRO B 43 13.67 9.49 -5.45
N ALA B 44 12.33 9.43 -5.43
CA ALA B 44 11.51 10.61 -5.74
C ALA B 44 11.80 11.70 -4.72
N TRP B 45 11.72 11.35 -3.44
CA TRP B 45 11.97 12.29 -2.35
C TRP B 45 13.42 12.79 -2.39
N TYR B 46 14.39 11.87 -2.48
CA TYR B 46 15.79 12.25 -2.51
C TYR B 46 16.19 13.18 -3.64
N MET B 47 15.73 12.90 -4.85
CA MET B 47 16.05 13.75 -5.97
C MET B 47 15.47 15.15 -5.78
N ILE B 48 14.26 15.22 -5.22
CA ILE B 48 13.60 16.51 -4.97
C ILE B 48 14.27 17.22 -3.80
N LYS B 49 14.54 16.46 -2.74
CA LYS B 49 15.17 16.99 -1.54
C LYS B 49 16.55 17.54 -1.87
N ASP B 50 17.28 16.80 -2.70
CA ASP B 50 18.61 17.19 -3.13
C ASP B 50 18.55 18.50 -3.88
N ALA B 51 17.54 18.64 -4.75
CA ALA B 51 17.37 19.85 -5.53
C ALA B 51 17.12 21.04 -4.61
N GLU B 52 16.31 20.83 -3.58
CA GLU B 52 15.99 21.88 -2.62
C GLU B 52 17.22 22.26 -1.83
N GLU B 53 18.03 21.25 -1.49
CA GLU B 53 19.25 21.46 -0.72
C GLU B 53 20.26 22.28 -1.52
N ARG B 54 20.30 22.06 -2.83
CA ARG B 54 21.21 22.78 -3.69
C ARG B 54 20.64 24.13 -4.11
N GLY B 55 19.39 24.39 -3.70
CA GLY B 55 18.76 25.66 -4.02
C GLY B 55 18.12 25.74 -5.38
N ILE B 56 17.87 24.58 -6.00
CA ILE B 56 17.23 24.55 -7.31
C ILE B 56 15.72 24.68 -7.17
N LEU B 57 15.20 24.29 -6.02
CA LEU B 57 13.77 24.36 -5.77
C LEU B 57 13.49 24.84 -4.35
N ARG B 58 12.49 25.71 -4.21
CA ARG B 58 12.08 26.20 -2.90
C ARG B 58 10.67 25.67 -2.70
N PRO B 59 10.41 24.96 -1.60
CA PRO B 59 9.08 24.42 -1.36
C PRO B 59 7.95 25.45 -1.35
N GLY B 60 6.82 25.08 -1.97
CA GLY B 60 5.68 25.96 -2.05
C GLY B 60 5.84 27.06 -3.09
N SER B 61 6.89 26.95 -3.90
CA SER B 61 7.16 27.93 -4.93
C SER B 61 6.27 27.73 -6.16
N GLY B 62 5.84 26.49 -6.34
CA GLY B 62 5.03 26.18 -7.50
C GLY B 62 5.94 26.04 -8.70
N GLN B 63 7.25 25.93 -8.45
CA GLN B 63 8.22 25.79 -9.53
C GLN B 63 7.90 24.55 -10.37
N VAL B 64 8.10 24.67 -11.68
CA VAL B 64 7.79 23.56 -12.57
C VAL B 64 8.86 22.48 -12.58
N ILE B 65 8.39 21.23 -12.55
CA ILE B 65 9.24 20.05 -12.58
C ILE B 65 8.74 19.17 -13.71
N VAL B 66 9.64 18.63 -14.52
CA VAL B 66 9.24 17.75 -15.61
C VAL B 66 10.07 16.48 -15.60
N GLU B 67 9.45 15.37 -16.01
CA GLU B 67 10.14 14.10 -16.06
C GLU B 67 9.40 13.09 -16.94
N PRO B 68 10.13 12.39 -17.82
CA PRO B 68 9.47 11.39 -18.66
C PRO B 68 9.42 10.08 -17.90
N THR B 69 8.21 9.56 -17.67
CA THR B 69 8.02 8.30 -16.96
C THR B 69 6.60 7.78 -17.09
N SER B 70 6.48 6.49 -17.36
CA SER B 70 5.17 5.86 -17.50
C SER B 70 5.01 4.83 -16.37
N GLY B 71 5.80 4.99 -15.32
CA GLY B 71 5.74 4.04 -14.21
C GLY B 71 5.65 4.67 -12.84
N ASN B 72 6.17 3.95 -11.85
CA ASN B 72 6.14 4.40 -10.47
C ASN B 72 6.84 5.72 -10.17
N THR B 73 7.89 6.05 -10.91
CA THR B 73 8.59 7.29 -10.66
C THR B 73 7.63 8.47 -10.77
N GLY B 74 6.76 8.43 -11.76
CA GLY B 74 5.80 9.51 -11.92
C GLY B 74 4.86 9.61 -10.73
N ILE B 75 4.59 8.48 -10.10
CA ILE B 75 3.68 8.46 -8.94
C ILE B 75 4.37 9.02 -7.70
N GLY B 76 5.60 8.57 -7.45
CA GLY B 76 6.33 9.06 -6.30
C GLY B 76 6.54 10.57 -6.38
N LEU B 77 6.93 11.04 -7.57
CA LEU B 77 7.17 12.46 -7.81
C LEU B 77 5.88 13.24 -7.65
N ALA B 78 4.77 12.65 -8.10
CA ALA B 78 3.47 13.30 -8.00
C ALA B 78 3.11 13.53 -6.54
N MET B 79 3.36 12.51 -5.71
CA MET B 79 3.06 12.58 -4.29
C MET B 79 3.93 13.66 -3.64
N ILE B 80 5.22 13.64 -3.94
CA ILE B 80 6.14 14.62 -3.39
C ILE B 80 5.87 16.04 -3.86
N ALA B 81 5.60 16.21 -5.15
CA ALA B 81 5.32 17.54 -5.69
C ALA B 81 4.08 18.09 -5.00
N ALA B 82 3.11 17.21 -4.75
CA ALA B 82 1.87 17.63 -4.08
C ALA B 82 2.15 18.04 -2.63
N SER B 83 3.00 17.27 -1.96
CA SER B 83 3.33 17.54 -0.55
C SER B 83 4.13 18.82 -0.37
N ARG B 84 5.04 19.09 -1.30
CA ARG B 84 5.90 20.25 -1.17
C ARG B 84 5.55 21.45 -2.04
N GLY B 85 4.35 21.43 -2.60
CA GLY B 85 3.91 22.54 -3.42
C GLY B 85 4.69 22.84 -4.69
N TYR B 86 4.93 21.82 -5.51
CA TYR B 86 5.64 22.01 -6.77
C TYR B 86 4.70 21.63 -7.91
N ARG B 87 4.90 22.24 -9.07
CA ARG B 87 4.06 21.94 -10.24
C ARG B 87 4.74 20.89 -11.09
N LEU B 88 4.25 19.66 -11.01
CA LEU B 88 4.82 18.54 -11.76
C LEU B 88 4.15 18.28 -13.11
N ILE B 89 4.98 17.97 -14.10
CA ILE B 89 4.50 17.65 -15.43
C ILE B 89 5.17 16.34 -15.83
N LEU B 90 4.38 15.36 -16.25
CA LEU B 90 4.91 14.06 -16.62
C LEU B 90 4.59 13.71 -18.08
N THR B 91 5.58 13.18 -18.79
CA THR B 91 5.39 12.79 -20.18
C THR B 91 5.37 11.26 -20.23
N MET B 92 4.48 10.70 -21.05
CA MET B 92 4.35 9.25 -21.17
C MET B 92 3.54 8.83 -22.40
N PRO B 93 3.73 7.58 -22.86
CA PRO B 93 3.00 7.08 -24.03
C PRO B 93 1.49 7.25 -23.81
N ALA B 94 0.78 7.56 -24.88
CA ALA B 94 -0.67 7.78 -24.83
C ALA B 94 -1.49 6.54 -24.44
N GLN B 95 -0.88 5.37 -24.54
CA GLN B 95 -1.57 4.13 -24.19
C GLN B 95 -2.09 4.27 -22.76
N MET B 96 -1.17 4.36 -21.80
CA MET B 96 -1.44 4.56 -20.38
C MET B 96 -2.85 4.27 -19.85
N SER B 97 -2.92 3.47 -18.78
CA SER B 97 -4.20 3.12 -18.16
C SER B 97 -4.96 4.40 -17.81
N GLU B 98 -6.28 4.36 -17.85
CA GLU B 98 -7.05 5.56 -17.53
C GLU B 98 -7.08 5.77 -16.02
N GLU B 99 -6.98 4.67 -15.28
CA GLU B 99 -6.99 4.75 -13.82
C GLU B 99 -5.63 5.30 -13.39
N ARG B 100 -4.59 4.90 -14.13
CA ARG B 100 -3.24 5.35 -13.86
C ARG B 100 -3.14 6.86 -14.04
N LYS B 101 -3.92 7.40 -14.97
CA LYS B 101 -3.93 8.83 -15.23
C LYS B 101 -4.68 9.51 -14.10
N ARG B 102 -5.71 8.82 -13.61
CA ARG B 102 -6.53 9.34 -12.53
C ARG B 102 -5.78 9.48 -11.22
N VAL B 103 -4.86 8.57 -10.95
CA VAL B 103 -4.10 8.63 -9.72
C VAL B 103 -3.12 9.80 -9.80
N LEU B 104 -2.47 9.95 -10.95
CA LEU B 104 -1.51 11.04 -11.14
C LEU B 104 -2.20 12.39 -11.05
N LYS B 105 -3.38 12.49 -11.65
CA LYS B 105 -4.12 13.75 -11.59
C LYS B 105 -4.72 13.97 -10.21
N ALA B 106 -4.91 12.89 -9.45
CA ALA B 106 -5.46 13.04 -8.10
C ALA B 106 -4.42 13.82 -7.27
N PHE B 107 -3.14 13.61 -7.58
CA PHE B 107 -2.04 14.30 -6.90
C PHE B 107 -1.80 15.66 -7.52
N GLY B 108 -2.59 15.99 -8.52
CA GLY B 108 -2.47 17.29 -9.18
C GLY B 108 -1.41 17.39 -10.24
N ALA B 109 -0.86 16.26 -10.65
CA ALA B 109 0.17 16.27 -11.69
C ALA B 109 -0.49 16.56 -13.03
N GLU B 110 0.31 17.04 -13.97
CA GLU B 110 -0.19 17.35 -15.30
C GLU B 110 0.43 16.32 -16.24
N LEU B 111 -0.38 15.80 -17.15
CA LEU B 111 0.10 14.79 -18.08
C LEU B 111 0.24 15.25 -19.53
N VAL B 112 1.29 14.75 -20.18
CA VAL B 112 1.53 15.04 -21.58
C VAL B 112 1.71 13.67 -22.24
N LEU B 113 0.73 13.27 -23.05
CA LEU B 113 0.78 11.98 -23.72
C LEU B 113 1.48 12.03 -25.08
N THR B 114 2.50 11.18 -25.24
CA THR B 114 3.27 11.16 -26.47
C THR B 114 3.00 9.97 -27.40
N ASP B 115 3.71 9.94 -28.52
CA ASP B 115 3.57 8.89 -29.53
C ASP B 115 3.75 7.48 -28.98
N PRO B 116 2.67 6.68 -28.95
CA PRO B 116 2.68 5.31 -28.46
C PRO B 116 3.68 4.39 -29.15
N GLU B 117 3.74 4.48 -30.48
CA GLU B 117 4.64 3.65 -31.28
C GLU B 117 6.12 3.82 -30.93
N ARG B 118 6.51 5.01 -30.53
CA ARG B 118 7.92 5.23 -30.20
C ARG B 118 8.26 5.16 -28.70
N ARG B 119 7.35 4.61 -27.92
CA ARG B 119 7.54 4.43 -26.48
C ARG B 119 8.21 5.58 -25.71
N MET B 120 9.07 5.21 -24.77
CA MET B 120 9.79 6.19 -23.95
C MET B 120 10.70 7.11 -24.75
N LEU B 121 10.95 6.76 -26.01
CA LEU B 121 11.78 7.58 -26.87
C LEU B 121 11.08 8.93 -27.03
N ALA B 122 9.82 8.87 -27.44
CA ALA B 122 9.00 10.06 -27.65
C ALA B 122 8.75 10.86 -26.37
N ALA B 123 8.57 10.16 -25.26
CA ALA B 123 8.33 10.83 -23.98
C ALA B 123 9.57 11.60 -23.54
N ARG B 124 10.73 10.95 -23.69
CA ARG B 124 12.00 11.54 -23.30
C ARG B 124 12.20 12.86 -24.06
N GLU B 125 12.00 12.81 -25.38
CA GLU B 125 12.17 13.98 -26.23
C GLU B 125 11.20 15.09 -25.85
N GLU B 126 9.97 14.71 -25.55
CA GLU B 126 8.93 15.67 -25.17
C GLU B 126 9.23 16.29 -23.80
N ALA B 127 9.89 15.53 -22.92
CA ALA B 127 10.21 16.02 -21.59
C ALA B 127 11.38 17.00 -21.69
N LEU B 128 12.36 16.68 -22.55
CA LEU B 128 13.49 17.57 -22.72
C LEU B 128 13.01 18.86 -23.36
N ARG B 129 12.13 18.75 -24.35
CA ARG B 129 11.58 19.92 -25.03
C ARG B 129 10.88 20.87 -24.06
N LEU B 130 10.24 20.30 -23.04
CA LEU B 130 9.55 21.10 -22.04
C LEU B 130 10.54 21.73 -21.07
N LYS B 131 11.54 20.96 -20.67
CA LYS B 131 12.57 21.47 -19.77
C LYS B 131 13.21 22.69 -20.43
N GLU B 132 13.28 22.65 -21.76
CA GLU B 132 13.89 23.73 -22.51
C GLU B 132 13.01 24.96 -22.71
N GLU B 133 11.71 24.77 -22.91
CA GLU B 133 10.84 25.92 -23.12
C GLU B 133 10.30 26.55 -21.84
N LEU B 134 10.30 25.80 -20.75
CA LEU B 134 9.79 26.31 -19.48
C LEU B 134 10.87 26.49 -18.43
N GLY B 135 12.09 26.07 -18.74
CA GLY B 135 13.18 26.18 -17.79
C GLY B 135 12.89 25.35 -16.55
N ALA B 136 12.18 24.24 -16.74
CA ALA B 136 11.80 23.36 -15.64
C ALA B 136 12.93 22.49 -15.14
N PHE B 137 12.80 22.04 -13.90
CA PHE B 137 13.79 21.16 -13.30
C PHE B 137 13.42 19.74 -13.72
N MET B 138 14.43 18.91 -14.01
CA MET B 138 14.20 17.54 -14.41
C MET B 138 15.03 16.58 -13.57
N PRO B 139 14.35 15.74 -12.77
CA PRO B 139 15.01 14.76 -11.91
C PRO B 139 16.08 13.97 -12.67
N ASP B 140 15.73 13.45 -13.84
CA ASP B 140 16.67 12.67 -14.66
C ASP B 140 17.07 11.40 -13.91
N GLN B 141 16.06 10.62 -13.53
CA GLN B 141 16.23 9.41 -12.72
C GLN B 141 17.31 8.39 -13.09
N PHE B 142 17.71 8.36 -14.36
CA PHE B 142 18.74 7.41 -14.78
C PHE B 142 20.16 7.91 -14.54
N LYS B 143 20.32 9.23 -14.42
CA LYS B 143 21.65 9.83 -14.21
C LYS B 143 21.84 10.49 -12.83
N ASN B 144 20.73 10.77 -12.15
CA ASN B 144 20.81 11.44 -10.85
C ASN B 144 21.30 10.58 -9.69
N PRO B 145 22.50 10.88 -9.17
CA PRO B 145 23.09 10.12 -8.06
C PRO B 145 22.27 10.18 -6.77
N ALA B 146 21.36 11.14 -6.67
CA ALA B 146 20.50 11.23 -5.49
C ALA B 146 19.60 9.98 -5.46
N ASN B 147 19.28 9.47 -6.65
CA ASN B 147 18.46 8.26 -6.79
C ASN B 147 19.20 7.20 -5.97
N VAL B 148 20.47 6.97 -6.34
CA VAL B 148 21.36 6.02 -5.66
C VAL B 148 21.49 6.31 -4.17
N ARG B 149 21.79 7.55 -3.83
CA ARG B 149 21.95 7.96 -2.44
C ARG B 149 20.76 7.59 -1.56
N ALA B 150 19.57 7.59 -2.12
CA ALA B 150 18.35 7.25 -1.38
C ALA B 150 18.40 5.81 -0.86
N HIS B 151 18.90 4.90 -1.68
CA HIS B 151 18.99 3.50 -1.30
C HIS B 151 20.21 3.21 -0.47
N TYR B 152 21.28 3.97 -0.73
CA TYR B 152 22.52 3.80 0.01
C TYR B 152 22.32 4.28 1.44
N GLU B 153 21.38 5.21 1.62
CA GLU B 153 21.08 5.80 2.93
C GLU B 153 19.91 5.21 3.71
N THR B 154 18.93 4.64 3.02
CA THR B 154 17.77 4.08 3.73
C THR B 154 17.51 2.61 3.44
N THR B 155 17.27 2.28 2.17
CA THR B 155 16.97 0.90 1.79
C THR B 155 18.02 -0.09 2.28
N GLY B 156 19.28 0.18 1.94
CA GLY B 156 20.38 -0.67 2.36
C GLY B 156 20.41 -0.90 3.85
N PRO B 157 20.54 0.16 4.66
CA PRO B 157 20.58 0.08 6.13
C PRO B 157 19.41 -0.73 6.67
N GLU B 158 18.23 -0.45 6.14
CA GLU B 158 17.01 -1.14 6.57
C GLU B 158 17.14 -2.65 6.36
N LEU B 159 17.57 -3.04 5.16
CA LEU B 159 17.73 -4.46 4.82
C LEU B 159 18.80 -5.13 5.67
N TYR B 160 19.97 -4.48 5.78
CA TYR B 160 21.07 -5.01 6.56
C TYR B 160 20.62 -5.17 8.02
N GLU B 161 19.98 -4.14 8.54
CA GLU B 161 19.51 -4.15 9.93
C GLU B 161 18.47 -5.23 10.16
N ALA B 162 17.51 -5.34 9.25
CA ALA B 162 16.44 -6.32 9.37
C ALA B 162 16.92 -7.77 9.28
N LEU B 163 18.00 -8.00 8.56
CA LEU B 163 18.49 -9.37 8.42
C LEU B 163 19.72 -9.69 9.28
N GLU B 164 19.87 -8.97 10.39
CA GLU B 164 21.00 -9.19 11.29
C GLU B 164 22.35 -9.23 10.57
N GLY B 165 22.47 -8.44 9.50
CA GLY B 165 23.72 -8.41 8.76
C GLY B 165 24.06 -9.74 8.10
N ARG B 166 23.17 -10.71 8.21
CA ARG B 166 23.40 -12.02 7.61
C ARG B 166 22.76 -12.12 6.23
N ILE B 167 23.55 -11.82 5.20
CA ILE B 167 23.08 -11.87 3.82
C ILE B 167 24.19 -12.43 2.94
N ASP B 168 23.88 -13.50 2.22
CA ASP B 168 24.85 -14.13 1.34
C ASP B 168 24.74 -13.62 -0.08
N ALA B 169 23.52 -13.34 -0.50
CA ALA B 169 23.27 -12.84 -1.83
C ALA B 169 22.08 -11.88 -1.84
N PHE B 170 22.25 -10.78 -2.58
CA PHE B 170 21.21 -9.77 -2.73
C PHE B 170 20.83 -9.82 -4.21
N VAL B 171 19.55 -10.00 -4.50
CA VAL B 171 19.08 -10.09 -5.89
C VAL B 171 18.09 -8.96 -6.21
N TYR B 172 18.28 -8.29 -7.35
CA TYR B 172 17.39 -7.19 -7.71
C TYR B 172 17.29 -6.92 -9.21
N GLY B 173 16.07 -6.63 -9.67
CA GLY B 173 15.83 -6.36 -11.07
C GLY B 173 16.00 -4.88 -11.37
N SER B 174 17.22 -4.52 -11.79
CA SER B 174 17.58 -3.15 -12.07
C SER B 174 16.73 -2.42 -13.11
N GLY B 175 16.36 -1.19 -12.75
CA GLY B 175 15.59 -0.35 -13.64
C GLY B 175 16.44 0.87 -13.93
N THR B 176 16.45 1.82 -12.99
CA THR B 176 17.28 3.02 -13.11
C THR B 176 18.66 2.65 -12.60
N GLY B 177 18.74 1.51 -11.91
CA GLY B 177 20.00 1.05 -11.37
C GLY B 177 20.32 1.64 -10.01
N GLY B 178 19.49 2.57 -9.55
CA GLY B 178 19.72 3.20 -8.27
C GLY B 178 19.66 2.26 -7.08
N THR B 179 18.66 1.38 -7.07
CA THR B 179 18.48 0.45 -5.96
C THR B 179 19.61 -0.59 -5.81
N ILE B 180 19.93 -1.28 -6.88
CA ILE B 180 20.97 -2.30 -6.78
C ILE B 180 22.32 -1.66 -6.43
N THR B 181 22.58 -0.46 -6.97
CA THR B 181 23.83 0.23 -6.69
C THR B 181 23.87 0.73 -5.25
N GLY B 182 22.82 1.45 -4.85
CA GLY B 182 22.75 1.96 -3.49
C GLY B 182 22.83 0.86 -2.45
N VAL B 183 21.95 -0.14 -2.55
CA VAL B 183 21.95 -1.25 -1.61
C VAL B 183 23.24 -2.06 -1.75
N GLY B 184 23.67 -2.26 -2.99
CA GLY B 184 24.87 -3.03 -3.25
C GLY B 184 26.10 -2.51 -2.52
N ARG B 185 26.41 -1.24 -2.72
CA ARG B 185 27.57 -0.65 -2.06
C ARG B 185 27.44 -0.83 -0.57
N TYR B 186 26.27 -0.50 -0.03
CA TYR B 186 26.04 -0.62 1.41
C TYR B 186 26.37 -2.00 1.94
N LEU B 187 25.85 -3.03 1.27
CA LEU B 187 26.11 -4.39 1.71
C LEU B 187 27.56 -4.79 1.52
N LYS B 188 28.12 -4.48 0.35
CA LYS B 188 29.50 -4.83 0.06
C LYS B 188 30.53 -4.01 0.83
N GLU B 189 30.10 -3.24 1.82
CA GLU B 189 31.03 -2.46 2.64
C GLU B 189 30.97 -3.08 4.03
N ARG B 190 30.03 -3.99 4.21
CA ARG B 190 29.84 -4.64 5.50
C ARG B 190 29.82 -6.16 5.43
N ILE B 191 29.79 -6.71 4.22
CA ILE B 191 29.77 -8.15 4.04
C ILE B 191 30.68 -8.53 2.87
N PRO B 192 31.98 -8.75 3.16
CA PRO B 192 33.06 -9.11 2.23
C PRO B 192 32.76 -10.20 1.21
N HIS B 193 31.83 -11.09 1.52
CA HIS B 193 31.53 -12.19 0.61
C HIS B 193 30.15 -12.08 -0.06
N VAL B 194 29.37 -11.07 0.29
CA VAL B 194 28.04 -10.90 -0.28
C VAL B 194 28.07 -10.78 -1.79
N LYS B 195 27.19 -11.52 -2.46
CA LYS B 195 27.13 -11.48 -3.91
C LYS B 195 25.94 -10.63 -4.34
N VAL B 196 26.22 -9.62 -5.16
CA VAL B 196 25.20 -8.73 -5.68
C VAL B 196 24.85 -9.20 -7.08
N ILE B 197 23.63 -9.72 -7.24
CA ILE B 197 23.22 -10.23 -8.53
C ILE B 197 22.09 -9.42 -9.15
N ALA B 198 22.35 -8.88 -10.33
CA ALA B 198 21.36 -8.09 -11.07
C ALA B 198 20.46 -9.02 -11.86
N VAL B 199 19.23 -8.56 -12.08
CA VAL B 199 18.23 -9.31 -12.83
C VAL B 199 17.69 -8.46 -13.96
N GLU B 200 17.53 -9.07 -15.14
CA GLU B 200 17.00 -8.33 -16.28
C GLU B 200 16.17 -9.23 -17.19
N PRO B 201 15.23 -8.64 -17.95
CA PRO B 201 14.38 -9.41 -18.85
C PRO B 201 15.23 -10.08 -19.92
N ALA B 202 15.02 -11.38 -20.13
CA ALA B 202 15.76 -12.10 -21.15
C ALA B 202 15.52 -11.40 -22.50
N ARG B 203 14.31 -10.90 -22.67
CA ARG B 203 13.93 -10.21 -23.89
C ARG B 203 14.54 -8.81 -24.08
N SER B 204 15.40 -8.40 -23.14
CA SER B 204 16.05 -7.10 -23.23
C SER B 204 17.32 -7.18 -22.40
N ASN B 205 18.05 -8.28 -22.59
CA ASN B 205 19.29 -8.59 -21.89
C ASN B 205 20.51 -7.73 -22.24
N VAL B 206 20.37 -6.41 -22.14
CA VAL B 206 21.48 -5.50 -22.44
C VAL B 206 22.70 -5.78 -21.57
N LEU B 207 22.46 -6.13 -20.31
CA LEU B 207 23.56 -6.41 -19.40
C LEU B 207 24.27 -7.72 -19.72
N SER B 208 23.58 -8.62 -20.41
CA SER B 208 24.14 -9.92 -20.75
C SER B 208 24.84 -9.94 -22.12
N GLY B 209 24.66 -8.88 -22.89
CA GLY B 209 25.30 -8.82 -24.20
C GLY B 209 24.25 -8.69 -25.30
N GLY B 210 23.02 -9.09 -24.99
CA GLY B 210 21.95 -9.00 -25.95
C GLY B 210 21.53 -7.57 -26.20
N LYS B 211 20.58 -7.37 -27.11
CA LYS B 211 20.10 -6.04 -27.44
C LYS B 211 18.79 -5.77 -26.70
N MET B 212 18.36 -4.51 -26.69
CA MET B 212 17.12 -4.16 -26.01
C MET B 212 15.90 -4.62 -26.80
N GLY B 213 14.82 -4.93 -26.08
CA GLY B 213 13.61 -5.37 -26.74
C GLY B 213 12.40 -5.14 -25.84
N GLN B 214 11.20 -5.30 -26.40
CA GLN B 214 9.99 -5.11 -25.63
C GLN B 214 9.81 -6.29 -24.66
N HIS B 215 9.34 -6.00 -23.45
CA HIS B 215 9.12 -7.02 -22.43
C HIS B 215 8.03 -6.56 -21.47
N GLY B 216 7.48 -7.47 -20.70
CA GLY B 216 6.41 -7.10 -19.78
C GLY B 216 6.75 -6.82 -18.32
N PHE B 217 8.03 -6.77 -17.96
CA PHE B 217 8.39 -6.50 -16.56
C PHE B 217 8.42 -5.00 -16.26
N GLN B 218 7.24 -4.38 -16.19
CA GLN B 218 7.15 -2.95 -15.94
C GLN B 218 7.96 -2.49 -14.74
N GLY B 219 8.75 -1.44 -14.94
CA GLY B 219 9.57 -0.91 -13.87
C GLY B 219 11.05 -1.21 -13.99
N MET B 220 11.39 -2.35 -14.60
CA MET B 220 12.79 -2.74 -14.76
C MET B 220 13.15 -2.95 -16.22
N GLY B 221 14.42 -3.21 -16.50
CA GLY B 221 14.87 -3.44 -17.86
C GLY B 221 14.68 -2.26 -18.80
N PRO B 222 15.46 -1.19 -18.63
CA PRO B 222 15.38 0.02 -19.46
C PRO B 222 15.79 -0.20 -20.91
N GLY B 223 16.53 -1.27 -21.16
CA GLY B 223 16.97 -1.57 -22.51
C GLY B 223 18.27 -0.85 -22.79
N PHE B 224 18.98 -0.49 -21.72
CA PHE B 224 20.27 0.19 -21.81
C PHE B 224 20.89 0.23 -20.42
N ILE B 225 22.17 0.56 -20.37
CA ILE B 225 22.87 0.64 -19.09
C ILE B 225 22.86 2.08 -18.61
N PRO B 226 22.05 2.39 -17.59
CA PRO B 226 21.95 3.75 -17.06
C PRO B 226 23.15 4.16 -16.21
N GLU B 227 23.45 5.46 -16.22
CA GLU B 227 24.56 6.01 -15.45
C GLU B 227 24.54 5.50 -14.01
N ASN B 228 23.37 5.55 -13.38
CA ASN B 228 23.23 5.12 -12.00
C ASN B 228 23.64 3.69 -11.70
N LEU B 229 23.76 2.87 -12.75
CA LEU B 229 24.14 1.48 -12.56
C LEU B 229 25.66 1.30 -12.47
N ASP B 230 26.13 0.86 -11.31
CA ASP B 230 27.56 0.62 -11.11
C ASP B 230 27.84 -0.85 -11.39
N LEU B 231 28.26 -1.15 -12.61
CA LEU B 231 28.56 -2.52 -13.02
C LEU B 231 29.64 -3.21 -12.20
N SER B 232 30.57 -2.42 -11.64
CA SER B 232 31.66 -2.98 -10.85
C SER B 232 31.16 -3.69 -9.60
N LEU B 233 29.91 -3.44 -9.22
CA LEU B 233 29.33 -4.07 -8.04
C LEU B 233 28.79 -5.46 -8.35
N LEU B 234 28.39 -5.66 -9.60
CA LEU B 234 27.81 -6.94 -9.99
C LEU B 234 28.72 -8.15 -9.94
N ASP B 235 28.15 -9.27 -9.49
CA ASP B 235 28.86 -10.54 -9.41
C ASP B 235 28.12 -11.53 -10.29
N GLY B 236 27.24 -11.01 -11.15
CA GLY B 236 26.47 -11.87 -12.04
C GLY B 236 25.19 -11.22 -12.53
N VAL B 237 24.54 -11.86 -13.50
CA VAL B 237 23.30 -11.37 -14.07
C VAL B 237 22.42 -12.54 -14.47
N ILE B 238 21.20 -12.57 -13.94
CA ILE B 238 20.26 -13.63 -14.26
C ILE B 238 19.17 -13.07 -15.17
N GLN B 239 18.96 -13.73 -16.30
CA GLN B 239 17.94 -13.32 -17.26
C GLN B 239 16.64 -14.02 -16.86
N VAL B 240 15.52 -13.29 -16.95
CA VAL B 240 14.25 -13.87 -16.58
C VAL B 240 13.23 -13.76 -17.68
N TRP B 241 12.37 -14.78 -17.78
CA TRP B 241 11.32 -14.81 -18.80
C TRP B 241 9.97 -14.63 -18.11
N GLU B 242 9.05 -13.91 -18.74
CA GLU B 242 7.73 -13.70 -18.15
C GLU B 242 7.02 -15.02 -17.97
N GLU B 243 7.27 -15.95 -18.89
CA GLU B 243 6.66 -17.27 -18.83
C GLU B 243 7.01 -17.99 -17.52
N ASP B 244 8.09 -17.56 -16.86
CA ASP B 244 8.51 -18.16 -15.58
C ASP B 244 8.05 -17.32 -14.39
N ALA B 245 8.36 -16.03 -14.45
CA ALA B 245 8.03 -15.08 -13.38
C ALA B 245 6.54 -14.92 -13.06
N PHE B 246 5.71 -14.81 -14.09
CA PHE B 246 4.28 -14.65 -13.88
C PHE B 246 3.63 -15.81 -13.15
N PRO B 247 3.88 -17.05 -13.60
CA PRO B 247 3.24 -18.16 -12.87
C PRO B 247 3.64 -18.12 -11.39
N LEU B 248 4.90 -17.81 -11.12
CA LEU B 248 5.39 -17.72 -9.75
C LEU B 248 4.68 -16.60 -8.98
N ALA B 249 4.48 -15.46 -9.65
CA ALA B 249 3.81 -14.32 -9.03
C ALA B 249 2.43 -14.76 -8.58
N ARG B 250 1.80 -15.59 -9.40
CA ARG B 250 0.48 -16.11 -9.08
C ARG B 250 0.59 -17.04 -7.87
N ARG B 251 1.62 -17.87 -7.85
CA ARG B 251 1.83 -18.79 -6.73
C ARG B 251 2.08 -18.02 -5.42
N LEU B 252 2.88 -16.95 -5.48
CA LEU B 252 3.17 -16.15 -4.30
C LEU B 252 1.90 -15.58 -3.64
N ALA B 253 0.98 -15.07 -4.46
CA ALA B 253 -0.27 -14.49 -3.95
C ALA B 253 -1.17 -15.54 -3.32
N ARG B 254 -1.33 -16.66 -4.02
CA ARG B 254 -2.18 -17.74 -3.57
C ARG B 254 -1.61 -18.61 -2.47
N GLU B 255 -0.29 -18.71 -2.40
CA GLU B 255 0.34 -19.57 -1.40
C GLU B 255 1.08 -18.87 -0.26
N GLU B 256 1.40 -17.58 -0.42
CA GLU B 256 2.11 -16.86 0.63
C GLU B 256 1.36 -15.59 1.01
N GLY B 257 0.29 -15.29 0.28
CA GLY B 257 -0.48 -14.10 0.57
C GLY B 257 0.29 -12.86 0.13
N LEU B 258 1.27 -13.07 -0.75
CA LEU B 258 2.08 -11.98 -1.25
C LEU B 258 1.67 -11.59 -2.68
N PHE B 259 0.74 -10.64 -2.74
CA PHE B 259 0.20 -10.12 -4.00
C PHE B 259 1.16 -9.04 -4.50
N LEU B 260 2.17 -9.45 -5.27
CA LEU B 260 3.18 -8.51 -5.74
C LEU B 260 3.05 -8.10 -7.21
N GLY B 261 3.91 -7.17 -7.62
CA GLY B 261 3.92 -6.67 -8.98
C GLY B 261 4.66 -7.54 -9.98
N MET B 262 4.58 -7.15 -11.25
CA MET B 262 5.22 -7.90 -12.32
C MET B 262 6.72 -8.07 -12.13
N SER B 263 7.42 -6.97 -11.87
CA SER B 263 8.87 -7.05 -11.69
C SER B 263 9.22 -7.93 -10.50
N SER B 264 8.37 -7.93 -9.48
CA SER B 264 8.62 -8.73 -8.27
C SER B 264 8.63 -10.20 -8.63
N GLY B 265 7.79 -10.57 -9.59
CA GLY B 265 7.71 -11.96 -10.01
C GLY B 265 9.03 -12.41 -10.61
N GLY B 266 9.61 -11.56 -11.44
CA GLY B 266 10.87 -11.91 -12.07
C GLY B 266 12.03 -11.88 -11.08
N ILE B 267 11.98 -10.94 -10.16
CA ILE B 267 13.03 -10.79 -9.17
C ILE B 267 13.04 -11.98 -8.23
N VAL B 268 11.87 -12.32 -7.71
CA VAL B 268 11.75 -13.45 -6.79
C VAL B 268 12.18 -14.74 -7.49
N TRP B 269 11.80 -14.90 -8.76
CA TRP B 269 12.18 -16.10 -9.51
C TRP B 269 13.70 -16.21 -9.51
N ALA B 270 14.37 -15.15 -9.92
CA ALA B 270 15.83 -15.15 -9.95
C ALA B 270 16.38 -15.45 -8.55
N ALA B 271 15.72 -14.94 -7.52
CA ALA B 271 16.18 -15.16 -6.15
C ALA B 271 16.19 -16.64 -5.79
N LEU B 272 15.18 -17.37 -6.26
CA LEU B 272 15.10 -18.80 -5.97
C LEU B 272 16.22 -19.60 -6.66
N GLN B 273 16.61 -19.17 -7.86
CA GLN B 273 17.68 -19.86 -8.59
C GLN B 273 18.96 -19.71 -7.79
N VAL B 274 19.13 -18.54 -7.16
CA VAL B 274 20.31 -18.27 -6.34
C VAL B 274 20.19 -19.06 -5.04
N ALA B 275 19.00 -19.02 -4.45
CA ALA B 275 18.73 -19.73 -3.21
C ALA B 275 19.09 -21.21 -3.32
N ARG B 276 18.89 -21.78 -4.51
CA ARG B 276 19.18 -23.19 -4.73
C ARG B 276 20.66 -23.43 -4.95
N GLU B 277 21.31 -22.52 -5.67
CA GLU B 277 22.74 -22.66 -5.92
C GLU B 277 23.50 -22.56 -4.60
N LEU B 278 23.07 -21.64 -3.74
CA LEU B 278 23.74 -21.45 -2.45
C LEU B 278 23.45 -22.59 -1.47
N GLY B 279 22.24 -23.13 -1.53
CA GLY B 279 21.87 -24.22 -0.65
C GLY B 279 21.38 -23.78 0.71
N PRO B 280 20.75 -24.68 1.48
CA PRO B 280 20.22 -24.38 2.81
C PRO B 280 21.20 -23.74 3.77
N GLY B 281 20.68 -22.96 4.71
CA GLY B 281 21.53 -22.30 5.66
C GLY B 281 21.84 -20.87 5.23
N LYS B 282 22.15 -20.71 3.94
CA LYS B 282 22.44 -19.39 3.38
C LYS B 282 21.20 -18.50 3.29
N ARG B 283 21.43 -17.19 3.26
CA ARG B 283 20.34 -16.24 3.19
C ARG B 283 20.39 -15.38 1.92
N VAL B 284 19.30 -15.40 1.18
CA VAL B 284 19.19 -14.61 -0.03
C VAL B 284 18.14 -13.55 0.22
N ALA B 285 18.46 -12.31 -0.14
CA ALA B 285 17.53 -11.20 0.03
C ALA B 285 17.32 -10.54 -1.33
N CYS B 286 16.08 -10.10 -1.54
CA CYS B 286 15.71 -9.43 -2.79
C CYS B 286 14.64 -8.42 -2.40
N ILE B 287 14.22 -7.59 -3.35
CA ILE B 287 13.23 -6.58 -3.04
C ILE B 287 12.03 -6.59 -3.98
N SER B 288 10.84 -6.45 -3.40
CA SER B 288 9.59 -6.40 -4.15
C SER B 288 9.34 -4.90 -4.35
N PRO B 289 9.58 -4.38 -5.56
CA PRO B 289 9.39 -2.96 -5.87
C PRO B 289 7.99 -2.40 -5.60
N ASP B 290 6.96 -3.18 -5.90
CA ASP B 290 5.59 -2.72 -5.64
C ASP B 290 4.60 -3.89 -5.58
N GLY B 291 3.36 -3.60 -5.19
CA GLY B 291 2.36 -4.63 -5.08
C GLY B 291 1.65 -4.95 -6.38
N GLY B 292 0.69 -5.88 -6.32
CA GLY B 292 -0.04 -6.29 -7.50
C GLY B 292 -1.16 -5.37 -7.97
N TRP B 293 -1.67 -4.53 -7.06
CA TRP B 293 -2.77 -3.63 -7.39
C TRP B 293 -2.82 -3.03 -8.79
N LYS B 294 -1.74 -2.37 -9.21
CA LYS B 294 -1.70 -1.73 -10.53
C LYS B 294 -1.62 -2.67 -11.73
N TYR B 295 -1.54 -3.97 -11.50
CA TYR B 295 -1.42 -4.91 -12.60
C TYR B 295 -2.57 -5.90 -12.72
N LEU B 296 -3.71 -5.55 -12.14
CA LEU B 296 -4.89 -6.40 -12.17
C LEU B 296 -5.49 -6.53 -13.57
N SER B 297 -5.20 -5.56 -14.44
CA SER B 297 -5.72 -5.61 -15.79
C SER B 297 -4.62 -5.97 -16.80
N THR B 298 -3.62 -6.72 -16.34
CA THR B 298 -2.54 -7.16 -17.21
C THR B 298 -2.64 -8.68 -17.27
N PRO B 299 -2.04 -9.31 -18.29
CA PRO B 299 -2.10 -10.76 -18.38
C PRO B 299 -1.46 -11.48 -17.19
N LEU B 300 -0.98 -10.71 -16.22
CA LEU B 300 -0.39 -11.31 -15.02
C LEU B 300 -1.50 -11.75 -14.05
N TYR B 301 -2.52 -10.90 -13.89
CA TYR B 301 -3.62 -11.20 -12.97
C TYR B 301 -5.03 -11.17 -13.58
N ALA B 302 -5.15 -10.98 -14.89
CA ALA B 302 -6.48 -10.95 -15.49
C ALA B 302 -6.91 -12.29 -16.07
#